data_8TSV
#
_entry.id   8TSV
#
_cell.length_a   29.226
_cell.length_b   52.532
_cell.length_c   53.670
_cell.angle_alpha   63.600
_cell.angle_beta   88.080
_cell.angle_gamma   85.940
#
_symmetry.space_group_name_H-M   'P 1'
#
loop_
_entity.id
_entity.type
_entity.pdbx_description
1 polymer 'Zika virus stem-loop A (SLA) top stem'
2 non-polymer 'SULFATE ION'
3 non-polymer GLYCEROL
4 water water
#
_entity_poly.entity_id   1
_entity_poly.type   'polyribonucleotide'
_entity_poly.pdbx_seq_one_letter_code
;CAGACUGCGAGGGCCCUCGAGUUUG
;
_entity_poly.pdbx_strand_id   A,B,C,D
#